data_6UHV
#
_entry.id   6UHV
#
_cell.length_a   80.525
_cell.length_b   80.525
_cell.length_c   245.874
_cell.angle_alpha   90.000
_cell.angle_beta   90.000
_cell.angle_gamma   120.000
#
_symmetry.space_group_name_H-M   'P 31 2 1'
#
loop_
_entity.id
_entity.type
_entity.pdbx_description
1 polymer 'Polyamine deacetylase HDAC10'
2 non-polymer 6-[(3-aminopropyl)amino]-N-hydroxyhexanamide
3 non-polymer 'ZINC ION'
4 non-polymer 'POTASSIUM ION'
5 non-polymer 'PHOSPHATE ION'
6 water water
#
_entity_poly.entity_id   1
_entity_poly.type   'polypeptide(L)'
_entity_poly.pdbx_seq_one_letter_code
;AASGSALIFDEEMSRYKLLWTDPACEIEVPERLTVSYEALRTHGLAQRCKAVPVRQATEQEILLAHSEEYLEAVKQTPGM
NVEELMAFSKKYNDVYFHQNIYHCAKLAAGATLQLVDSVMKREVRNGMALVRPPGHHSQRSAANGFCVFNNVAFAALYAK
KNYNLNRILIVDWDVHHGQGIQYCFEEDPSVLYFSWHRYEHQSFWPNLPESDYSSVGKGKGSGFNINLPWNKVGMTNSDY
LAAFFHVLLPVAYEFDPELVIVSAGFDSAIGDPEGEMCALPEIFAHLTHLLMPLAAGKMCVVLEGGYNLTSLGQSVCQTV
HSLLGDPTPRISGLGTACDSALESIQNVRNVQSSYWSSFKHLAQSETNPKRPRLDATNGGPKESSEPASESNPKKTAQDI
VWPEPLKRMPASVRTVVVPPPGVELTLPKNCQHSGDISESTAKEVQRIRDKHFHDLTDQNILRSLGNIISVLDRMMRSDE
VCNGCVVVSDLSVSVQCALQHALTEPAERVLVVYVGDGELPVKTNDGKVFLVQICTKETEDKCVNRLTLCLREGESLTAG
FMQALLGLILPVAYEFNPALVLGIVEETAAKTRLMRVWGHMTCLIQGLARGRMLTLLQGYDKDLLELTVSALSGASISPL
GPLRAPKPEDVEMMEKQRQRLQERWGLLRCTVSESW
;
_entity_poly.pdbx_strand_id   A
#
loop_
_chem_comp.id
_chem_comp.type
_chem_comp.name
_chem_comp.formula
K non-polymer 'POTASSIUM ION' 'K 1'
PO4 non-polymer 'PHOSPHATE ION' 'O4 P -3'
XS6 non-polymer 6-[(3-aminopropyl)amino]-N-hydroxyhexanamide 'C9 H21 N3 O2'
ZN non-polymer 'ZINC ION' 'Zn 2'
#
# COMPACT_ATOMS: atom_id res chain seq x y z
N ALA A 1 12.75 -17.08 -6.86
CA ALA A 1 11.60 -16.19 -6.73
C ALA A 1 11.67 -15.04 -7.74
N ALA A 2 10.52 -14.41 -7.99
CA ALA A 2 10.47 -13.33 -8.95
C ALA A 2 11.22 -12.11 -8.44
N SER A 3 11.70 -11.29 -9.39
CA SER A 3 12.44 -10.08 -9.06
C SER A 3 12.23 -9.06 -10.16
N GLY A 4 12.46 -7.80 -9.84
CA GLY A 4 12.32 -6.71 -10.79
C GLY A 4 10.89 -6.24 -10.93
N SER A 5 10.75 -5.09 -11.59
CA SER A 5 9.44 -4.49 -11.86
C SER A 5 9.35 -4.17 -13.34
N ALA A 6 8.18 -4.46 -13.93
CA ALA A 6 7.95 -4.21 -15.34
C ALA A 6 7.42 -2.81 -15.56
N LEU A 7 7.89 -2.17 -16.63
CA LEU A 7 7.38 -0.87 -17.06
C LEU A 7 6.94 -1.01 -18.51
N ILE A 8 5.63 -1.07 -18.72
CA ILE A 8 5.06 -1.26 -20.04
C ILE A 8 4.57 0.09 -20.55
N PHE A 9 5.11 0.51 -21.70
CA PHE A 9 4.81 1.82 -22.24
C PHE A 9 5.14 1.82 -23.73
N ASP A 10 4.42 2.64 -24.49
CA ASP A 10 4.69 2.81 -25.90
C ASP A 10 4.21 4.18 -26.34
N GLU A 11 5.05 4.89 -27.11
CA GLU A 11 4.71 6.23 -27.57
C GLU A 11 3.51 6.25 -28.51
N GLU A 12 3.14 5.10 -29.07
CA GLU A 12 2.01 5.07 -30.00
C GLU A 12 0.70 5.44 -29.32
N MET A 13 0.54 5.07 -28.05
CA MET A 13 -0.70 5.38 -27.33
C MET A 13 -0.87 6.87 -27.08
N SER A 14 0.15 7.68 -27.32
CA SER A 14 0.05 9.13 -27.24
C SER A 14 -0.25 9.77 -28.58
N ARG A 15 -0.72 9.00 -29.56
CA ARG A 15 -0.91 9.48 -30.91
C ARG A 15 -2.37 9.46 -31.32
N TYR A 16 -3.27 9.71 -30.37
CA TYR A 16 -4.65 10.07 -30.63
C TYR A 16 -5.00 11.24 -29.73
N LYS A 17 -5.84 12.14 -30.22
CA LYS A 17 -6.15 13.34 -29.46
C LYS A 17 -7.51 13.88 -29.89
N LEU A 18 -8.00 14.84 -29.12
CA LEU A 18 -9.28 15.47 -29.41
C LEU A 18 -9.16 16.42 -30.60
N LEU A 19 -10.10 16.32 -31.53
CA LEU A 19 -10.04 17.06 -32.78
C LEU A 19 -11.11 18.14 -32.90
N TRP A 20 -11.93 18.34 -31.87
CA TRP A 20 -12.97 19.36 -31.91
C TRP A 20 -13.10 19.98 -30.52
N THR A 21 -13.85 21.09 -30.46
CA THR A 21 -14.03 21.79 -29.19
C THR A 21 -14.95 20.98 -28.28
N ASP A 22 -14.45 20.65 -27.10
CA ASP A 22 -15.18 19.89 -26.09
C ASP A 22 -14.52 20.12 -24.74
N PRO A 23 -15.01 21.08 -23.94
CA PRO A 23 -14.38 21.34 -22.64
C PRO A 23 -14.45 20.17 -21.68
N ALA A 24 -15.30 19.18 -21.95
CA ALA A 24 -15.41 18.04 -21.03
C ALA A 24 -14.23 17.09 -21.17
N CYS A 25 -13.64 16.98 -22.36
CA CYS A 25 -12.57 16.03 -22.61
C CYS A 25 -11.24 16.68 -22.97
N GLU A 26 -11.17 18.00 -23.09
CA GLU A 26 -9.94 18.65 -23.51
C GLU A 26 -8.81 18.49 -22.50
N ILE A 27 -9.09 17.90 -21.33
CA ILE A 27 -8.03 17.64 -20.36
C ILE A 27 -7.32 16.31 -20.61
N GLU A 28 -7.91 15.41 -21.39
CA GLU A 28 -7.31 14.12 -21.69
C GLU A 28 -6.40 14.30 -22.90
N VAL A 29 -5.14 14.63 -22.63
CA VAL A 29 -4.19 15.00 -23.68
C VAL A 29 -3.12 13.93 -23.83
N PRO A 30 -2.47 13.82 -24.99
CA PRO A 30 -1.38 12.85 -25.13
C PRO A 30 -0.21 13.13 -24.20
N GLU A 31 -0.01 14.39 -23.79
CA GLU A 31 1.12 14.74 -22.95
C GLU A 31 1.08 14.04 -21.60
N ARG A 32 -0.07 13.49 -21.21
CA ARG A 32 -0.15 12.75 -19.95
C ARG A 32 0.81 11.56 -19.96
N LEU A 33 0.93 10.87 -21.10
CA LEU A 33 1.84 9.73 -21.19
C LEU A 33 3.29 10.18 -21.27
N THR A 34 3.58 11.13 -22.15
CA THR A 34 4.96 11.53 -22.37
C THR A 34 5.55 12.22 -21.15
N VAL A 35 4.74 12.98 -20.40
CA VAL A 35 5.24 13.62 -19.19
C VAL A 35 5.55 12.57 -18.12
N SER A 36 4.70 11.56 -18.00
CA SER A 36 4.89 10.56 -16.95
C SER A 36 6.09 9.66 -17.23
N TYR A 37 6.26 9.22 -18.48
CA TYR A 37 7.41 8.38 -18.79
C TYR A 37 8.71 9.17 -18.68
N GLU A 38 8.71 10.43 -19.12
CA GLU A 38 9.92 11.25 -19.03
C GLU A 38 10.26 11.56 -17.57
N ALA A 39 9.25 11.64 -16.70
CA ALA A 39 9.53 11.80 -15.28
C ALA A 39 10.20 10.56 -14.70
N LEU A 40 9.77 9.38 -15.15
CA LEU A 40 10.42 8.15 -14.72
C LEU A 40 11.85 8.06 -15.22
N ARG A 41 12.11 8.58 -16.42
CA ARG A 41 13.47 8.55 -16.96
C ARG A 41 14.36 9.59 -16.28
N THR A 42 13.81 10.77 -15.99
CA THR A 42 14.60 11.81 -15.33
C THR A 42 15.10 11.35 -13.96
N HIS A 43 14.26 10.64 -13.22
CA HIS A 43 14.61 10.16 -11.90
C HIS A 43 15.28 8.79 -11.93
N GLY A 44 15.59 8.26 -13.12
CA GLY A 44 16.30 7.01 -13.18
C GLY A 44 15.47 5.79 -12.87
N LEU A 45 14.15 5.92 -12.81
CA LEU A 45 13.29 4.79 -12.47
C LEU A 45 12.94 3.93 -13.67
N ALA A 46 12.68 4.55 -14.83
CA ALA A 46 12.40 3.78 -16.04
C ALA A 46 13.57 2.88 -16.42
N GLN A 47 14.80 3.41 -16.31
CA GLN A 47 15.99 2.62 -16.61
C GLN A 47 16.17 1.44 -15.66
N ARG A 48 15.52 1.47 -14.50
CA ARG A 48 15.64 0.40 -13.52
C ARG A 48 14.59 -0.69 -13.68
N CYS A 49 13.62 -0.51 -14.58
CA CYS A 49 12.51 -1.43 -14.75
C CYS A 49 12.66 -2.22 -16.03
N LYS A 50 12.21 -3.48 -16.00
CA LYS A 50 12.25 -4.35 -17.16
C LYS A 50 11.20 -3.90 -18.17
N ALA A 51 11.65 -3.38 -19.31
CA ALA A 51 10.74 -2.90 -20.34
C ALA A 51 10.10 -4.08 -21.06
N VAL A 52 8.79 -4.21 -20.96
CA VAL A 52 8.02 -5.25 -21.62
C VAL A 52 7.25 -4.62 -22.78
N PRO A 53 7.34 -5.16 -23.99
CA PRO A 53 6.67 -4.52 -25.13
C PRO A 53 5.16 -4.64 -25.03
N VAL A 54 4.48 -3.65 -25.59
CA VAL A 54 3.03 -3.66 -25.66
C VAL A 54 2.62 -4.46 -26.90
N ARG A 55 1.48 -5.14 -26.78
CA ARG A 55 0.91 -5.88 -27.90
C ARG A 55 -0.55 -5.46 -28.05
N GLN A 56 -1.16 -5.91 -29.14
CA GLN A 56 -2.59 -5.68 -29.34
C GLN A 56 -3.40 -6.74 -28.62
N ALA A 57 -4.49 -6.32 -27.99
CA ALA A 57 -5.44 -7.27 -27.45
C ALA A 57 -6.24 -7.90 -28.59
N THR A 58 -6.33 -9.23 -28.59
CA THR A 58 -7.05 -9.91 -29.66
C THR A 58 -8.54 -9.65 -29.52
N GLU A 59 -9.28 -10.02 -30.58
CA GLU A 59 -10.72 -9.85 -30.57
C GLU A 59 -11.38 -10.66 -29.46
N GLN A 60 -10.96 -11.92 -29.30
CA GLN A 60 -11.55 -12.77 -28.28
C GLN A 60 -11.24 -12.27 -26.87
N GLU A 61 -10.09 -11.61 -26.69
CA GLU A 61 -9.79 -11.00 -25.39
C GLU A 61 -10.67 -9.79 -25.14
N ILE A 62 -10.97 -9.02 -26.18
CA ILE A 62 -11.89 -7.89 -26.03
C ILE A 62 -13.29 -8.39 -25.72
N LEU A 63 -13.70 -9.51 -26.32
CA LEU A 63 -15.02 -10.07 -26.07
C LEU A 63 -15.15 -10.67 -24.67
N LEU A 64 -14.07 -10.71 -23.88
CA LEU A 64 -14.18 -11.17 -22.50
C LEU A 64 -15.04 -10.23 -21.68
N ALA A 65 -15.04 -8.94 -21.99
CA ALA A 65 -15.77 -7.95 -21.22
C ALA A 65 -16.65 -7.03 -22.07
N HIS A 66 -16.59 -7.14 -23.39
CA HIS A 66 -17.39 -6.28 -24.26
C HIS A 66 -18.17 -7.13 -25.25
N SER A 67 -19.24 -6.54 -25.79
CA SER A 67 -20.13 -7.22 -26.70
C SER A 67 -19.61 -7.12 -28.13
N GLU A 68 -20.09 -8.04 -28.98
CA GLU A 68 -19.70 -8.03 -30.38
C GLU A 68 -20.23 -6.81 -31.10
N GLU A 69 -21.44 -6.36 -30.74
CA GLU A 69 -22.03 -5.20 -31.40
C GLU A 69 -21.22 -3.94 -31.11
N TYR A 70 -20.80 -3.74 -29.86
CA TYR A 70 -20.03 -2.56 -29.51
C TYR A 70 -18.61 -2.64 -30.06
N LEU A 71 -18.02 -3.83 -30.11
CA LEU A 71 -16.69 -3.97 -30.67
C LEU A 71 -16.67 -3.66 -32.15
N GLU A 72 -17.68 -4.14 -32.89
CA GLU A 72 -17.72 -3.87 -34.33
C GLU A 72 -18.06 -2.41 -34.62
N ALA A 73 -18.77 -1.74 -33.72
CA ALA A 73 -19.03 -0.32 -33.89
C ALA A 73 -17.76 0.50 -33.73
N VAL A 74 -16.95 0.17 -32.71
CA VAL A 74 -15.68 0.85 -32.52
C VAL A 74 -14.71 0.50 -33.65
N LYS A 75 -14.78 -0.73 -34.17
CA LYS A 75 -13.89 -1.15 -35.24
C LYS A 75 -14.03 -0.29 -36.49
N GLN A 76 -15.15 0.40 -36.66
CA GLN A 76 -15.39 1.21 -37.84
C GLN A 76 -14.87 2.64 -37.70
N THR A 77 -14.44 3.05 -36.51
CA THR A 77 -13.98 4.42 -36.28
C THR A 77 -12.68 4.78 -36.99
N PRO A 78 -11.73 3.85 -37.20
CA PRO A 78 -10.54 4.21 -38.01
C PRO A 78 -10.87 4.68 -39.41
N GLY A 79 -12.04 4.33 -39.95
CA GLY A 79 -12.42 4.75 -41.27
C GLY A 79 -13.29 5.99 -41.33
N MET A 80 -13.48 6.67 -40.22
CA MET A 80 -14.35 7.84 -40.15
C MET A 80 -13.55 9.13 -40.25
N ASN A 81 -14.17 10.15 -40.83
CA ASN A 81 -13.60 11.48 -40.85
C ASN A 81 -13.98 12.20 -39.56
N VAL A 82 -13.66 13.50 -39.47
CA VAL A 82 -13.90 14.25 -38.25
C VAL A 82 -15.41 14.33 -37.96
N GLU A 83 -16.21 14.61 -38.99
CA GLU A 83 -17.65 14.75 -38.79
C GLU A 83 -18.27 13.45 -38.28
N GLU A 84 -17.88 12.32 -38.87
CA GLU A 84 -18.44 11.04 -38.44
C GLU A 84 -17.91 10.64 -37.06
N LEU A 85 -16.68 11.03 -36.72
CA LEU A 85 -16.16 10.74 -35.39
C LEU A 85 -16.87 11.59 -34.33
N MET A 86 -17.22 12.83 -34.68
CA MET A 86 -17.95 13.67 -33.73
C MET A 86 -19.35 13.12 -33.48
N ALA A 87 -20.00 12.59 -34.52
CA ALA A 87 -21.34 12.03 -34.34
C ALA A 87 -21.29 10.73 -33.55
N PHE A 88 -20.24 9.92 -33.75
CA PHE A 88 -20.13 8.66 -33.01
C PHE A 88 -19.87 8.90 -31.53
N SER A 89 -19.05 9.91 -31.22
CA SER A 89 -18.74 10.20 -29.82
C SER A 89 -19.89 10.86 -29.09
N LYS A 90 -20.81 11.50 -29.81
CA LYS A 90 -21.98 12.09 -29.18
C LYS A 90 -22.92 11.05 -28.59
N LYS A 91 -22.87 9.81 -29.10
CA LYS A 91 -23.70 8.74 -28.57
C LYS A 91 -23.30 8.29 -27.17
N TYR A 92 -22.21 8.82 -26.63
CA TYR A 92 -21.70 8.42 -25.32
C TYR A 92 -21.46 9.66 -24.47
N ASN A 93 -21.06 9.44 -23.22
CA ASN A 93 -20.92 10.49 -22.23
C ASN A 93 -19.44 10.75 -21.97
N ASP A 94 -18.98 11.97 -22.29
CA ASP A 94 -17.65 12.45 -21.96
C ASP A 94 -16.56 11.54 -22.52
N VAL A 95 -16.57 11.39 -23.85
CA VAL A 95 -15.56 10.61 -24.54
C VAL A 95 -15.51 11.06 -25.99
N TYR A 96 -14.30 11.12 -26.54
CA TYR A 96 -14.09 11.48 -27.93
C TYR A 96 -13.40 10.32 -28.64
N PHE A 97 -13.54 10.28 -29.95
CA PHE A 97 -12.93 9.24 -30.77
C PHE A 97 -11.99 9.85 -31.79
N HIS A 98 -11.03 9.04 -32.21
CA HIS A 98 -9.97 9.46 -33.11
C HIS A 98 -9.73 8.34 -34.12
N GLN A 99 -9.11 8.70 -35.25
CA GLN A 99 -8.80 7.69 -36.27
C GLN A 99 -7.90 6.60 -35.70
N ASN A 100 -7.13 6.91 -34.67
CA ASN A 100 -6.16 5.97 -34.09
C ASN A 100 -6.56 5.45 -32.72
N ILE A 101 -7.72 5.87 -32.19
CA ILE A 101 -8.05 5.52 -30.81
C ILE A 101 -8.38 4.03 -30.68
N TYR A 102 -8.98 3.42 -31.71
CA TYR A 102 -9.23 1.99 -31.66
C TYR A 102 -7.93 1.20 -31.66
N HIS A 103 -6.91 1.71 -32.35
CA HIS A 103 -5.60 1.09 -32.33
C HIS A 103 -4.97 1.17 -30.95
N CYS A 104 -4.93 2.37 -30.35
CA CYS A 104 -4.34 2.52 -29.03
C CYS A 104 -5.19 1.85 -27.95
N ALA A 105 -6.50 1.76 -28.15
CA ALA A 105 -7.34 1.06 -27.17
C ALA A 105 -6.94 -0.41 -27.07
N LYS A 106 -6.74 -1.07 -28.22
CA LYS A 106 -6.25 -2.44 -28.22
C LYS A 106 -4.84 -2.51 -27.64
N LEU A 107 -4.03 -1.48 -27.87
CA LEU A 107 -2.69 -1.46 -27.29
C LEU A 107 -2.74 -1.26 -25.78
N ALA A 108 -3.58 -0.33 -25.32
CA ALA A 108 -3.73 -0.12 -23.87
C ALA A 108 -4.24 -1.38 -23.19
N ALA A 109 -5.14 -2.11 -23.84
CA ALA A 109 -5.62 -3.37 -23.28
C ALA A 109 -4.55 -4.44 -23.37
N GLY A 110 -3.86 -4.55 -24.52
CA GLY A 110 -2.81 -5.53 -24.65
C GLY A 110 -1.66 -5.29 -23.70
N ALA A 111 -1.33 -4.02 -23.46
CA ALA A 111 -0.28 -3.69 -22.49
C ALA A 111 -0.65 -4.19 -21.10
N THR A 112 -1.92 -4.06 -20.72
CA THR A 112 -2.37 -4.57 -19.43
C THR A 112 -2.23 -6.08 -19.35
N LEU A 113 -2.57 -6.78 -20.43
CA LEU A 113 -2.44 -8.25 -20.43
C LEU A 113 -0.98 -8.67 -20.46
N GLN A 114 -0.11 -7.92 -21.13
CA GLN A 114 1.32 -8.19 -21.06
C GLN A 114 1.82 -8.06 -19.62
N LEU A 115 1.30 -7.07 -18.89
CA LEU A 115 1.72 -6.88 -17.51
C LEU A 115 1.19 -8.00 -16.61
N VAL A 116 -0.01 -8.49 -16.89
CA VAL A 116 -0.58 -9.60 -16.12
C VAL A 116 0.25 -10.86 -16.33
N ASP A 117 0.63 -11.13 -17.58
CA ASP A 117 1.37 -12.36 -17.87
C ASP A 117 2.74 -12.35 -17.19
N SER A 118 3.48 -11.24 -17.34
CA SER A 118 4.82 -11.16 -16.76
C SER A 118 4.78 -11.33 -15.25
N VAL A 119 3.75 -10.79 -14.60
CA VAL A 119 3.63 -10.94 -13.15
C VAL A 119 3.24 -12.37 -12.79
N MET A 120 2.27 -12.94 -13.51
CA MET A 120 1.80 -14.28 -13.19
C MET A 120 2.81 -15.35 -13.60
N LYS A 121 3.63 -15.07 -14.62
CA LYS A 121 4.70 -15.99 -15.01
C LYS A 121 5.91 -15.91 -14.10
N ARG A 122 5.86 -15.09 -13.05
CA ARG A 122 6.97 -14.84 -12.13
C ARG A 122 8.19 -14.25 -12.85
N GLU A 123 7.99 -13.68 -14.03
CA GLU A 123 9.10 -13.03 -14.75
C GLU A 123 9.48 -11.71 -14.09
N VAL A 124 8.52 -11.06 -13.44
CA VAL A 124 8.77 -9.87 -12.63
C VAL A 124 7.96 -10.03 -11.35
N ARG A 125 8.35 -9.26 -10.33
CA ARG A 125 7.61 -9.29 -9.07
C ARG A 125 6.35 -8.46 -9.15
N ASN A 126 6.42 -7.29 -9.80
CA ASN A 126 5.27 -6.45 -10.03
C ASN A 126 5.53 -5.63 -11.29
N GLY A 127 4.71 -4.61 -11.52
CA GLY A 127 4.90 -3.76 -12.69
C GLY A 127 3.82 -2.70 -12.80
N MET A 128 4.04 -1.79 -13.76
CA MET A 128 3.13 -0.70 -14.05
C MET A 128 3.02 -0.51 -15.56
N ALA A 129 1.82 -0.21 -16.03
CA ALA A 129 1.56 0.04 -17.45
C ALA A 129 1.05 1.46 -17.62
N LEU A 130 1.80 2.27 -18.38
CA LEU A 130 1.39 3.62 -18.73
C LEU A 130 0.60 3.55 -20.03
N VAL A 131 -0.73 3.65 -19.93
CA VAL A 131 -1.60 3.40 -21.06
C VAL A 131 -2.54 4.57 -21.31
N ARG A 132 -2.93 4.73 -22.57
CA ARG A 132 -3.99 5.60 -23.02
C ARG A 132 -4.72 4.83 -24.12
N PRO A 133 -6.05 4.86 -24.15
CA PRO A 133 -6.98 5.53 -23.23
C PRO A 133 -7.16 4.80 -21.90
N PRO A 134 -7.72 5.49 -20.88
CA PRO A 134 -8.07 4.80 -19.64
C PRO A 134 -9.19 3.78 -19.84
N GLY A 135 -9.60 3.09 -18.79
CA GLY A 135 -10.51 1.99 -18.98
C GLY A 135 -11.62 1.79 -17.97
N HIS A 136 -11.44 2.24 -16.72
CA HIS A 136 -12.32 1.81 -15.65
C HIS A 136 -13.75 2.31 -15.79
N HIS A 137 -14.02 3.30 -16.66
CA HIS A 137 -15.39 3.70 -16.92
C HIS A 137 -16.05 2.89 -18.03
N SER A 138 -15.26 2.22 -18.87
CA SER A 138 -15.80 1.53 -20.02
C SER A 138 -16.72 0.38 -19.59
N GLN A 139 -17.81 0.20 -20.34
CA GLN A 139 -18.82 -0.80 -20.03
C GLN A 139 -18.92 -1.80 -21.18
N ARG A 140 -19.81 -2.79 -21.00
N ARG A 140 -19.80 -2.79 -21.00
CA ARG A 140 -19.87 -3.90 -21.94
CA ARG A 140 -19.88 -3.91 -21.94
C ARG A 140 -20.25 -3.44 -23.35
C ARG A 140 -20.24 -3.45 -23.34
N SER A 141 -21.13 -2.45 -23.45
CA SER A 141 -21.60 -1.99 -24.75
C SER A 141 -21.57 -0.47 -24.86
N ALA A 142 -20.63 0.18 -24.19
CA ALA A 142 -20.59 1.64 -24.24
C ALA A 142 -19.21 2.14 -23.86
N ALA A 143 -18.75 3.17 -24.57
CA ALA A 143 -17.61 3.97 -24.13
C ALA A 143 -18.09 5.03 -23.15
N ASN A 144 -17.24 5.38 -22.20
CA ASN A 144 -17.64 6.31 -21.15
C ASN A 144 -16.40 6.91 -20.50
N GLY A 145 -16.47 8.21 -20.21
CA GLY A 145 -15.43 8.91 -19.47
C GLY A 145 -14.02 8.69 -19.97
N PHE A 146 -13.78 9.00 -21.23
CA PHE A 146 -12.50 8.87 -21.94
C PHE A 146 -12.10 7.43 -22.19
N CYS A 147 -12.87 6.45 -21.71
CA CYS A 147 -12.52 5.04 -21.85
C CYS A 147 -13.27 4.38 -23.00
N VAL A 148 -12.56 3.51 -23.72
CA VAL A 148 -13.15 2.77 -24.82
C VAL A 148 -13.33 1.32 -24.38
N PHE A 149 -12.24 0.69 -23.95
CA PHE A 149 -12.26 -0.67 -23.43
C PHE A 149 -11.79 -0.65 -21.98
N ASN A 150 -12.28 -1.60 -21.19
CA ASN A 150 -11.99 -1.66 -19.76
C ASN A 150 -10.73 -2.48 -19.56
N ASN A 151 -9.58 -1.78 -19.45
CA ASN A 151 -8.29 -2.46 -19.37
C ASN A 151 -8.20 -3.31 -18.10
N VAL A 152 -8.60 -2.75 -16.96
CA VAL A 152 -8.47 -3.47 -15.69
C VAL A 152 -9.45 -4.63 -15.63
N ALA A 153 -10.66 -4.44 -16.16
CA ALA A 153 -11.61 -5.56 -16.24
C ALA A 153 -11.06 -6.68 -17.11
N PHE A 154 -10.38 -6.32 -18.19
CA PHE A 154 -9.69 -7.33 -19.01
C PHE A 154 -8.70 -8.12 -18.17
N ALA A 155 -7.90 -7.41 -17.36
CA ALA A 155 -6.83 -8.06 -16.61
C ALA A 155 -7.36 -9.11 -15.65
N ALA A 156 -8.46 -8.81 -14.95
CA ALA A 156 -9.01 -9.76 -14.00
C ALA A 156 -9.62 -10.96 -14.70
N LEU A 157 -10.40 -10.72 -15.76
CA LEU A 157 -10.97 -11.82 -16.52
C LEU A 157 -9.89 -12.64 -17.21
N TYR A 158 -8.87 -11.96 -17.75
CA TYR A 158 -7.75 -12.66 -18.38
C TYR A 158 -6.99 -13.50 -17.37
N ALA A 159 -6.83 -12.99 -16.15
CA ALA A 159 -6.12 -13.75 -15.12
C ALA A 159 -6.96 -14.91 -14.59
N LYS A 160 -8.29 -14.76 -14.56
CA LYS A 160 -9.15 -15.84 -14.12
C LYS A 160 -9.10 -17.01 -15.11
N LYS A 161 -9.14 -16.71 -16.41
CA LYS A 161 -9.25 -17.76 -17.42
C LYS A 161 -7.92 -18.48 -17.63
N ASN A 162 -6.83 -17.73 -17.78
CA ASN A 162 -5.55 -18.31 -18.16
C ASN A 162 -4.70 -18.77 -16.98
N TYR A 163 -5.07 -18.41 -15.76
CA TYR A 163 -4.32 -18.83 -14.59
C TYR A 163 -5.19 -19.41 -13.49
N ASN A 164 -6.50 -19.49 -13.69
CA ASN A 164 -7.43 -20.18 -12.79
C ASN A 164 -7.35 -19.60 -11.37
N LEU A 165 -7.27 -18.28 -11.27
CA LEU A 165 -7.27 -17.62 -9.97
C LEU A 165 -8.68 -17.54 -9.41
N ASN A 166 -8.80 -17.75 -8.11
CA ASN A 166 -10.09 -17.72 -7.44
C ASN A 166 -10.39 -16.39 -6.76
N ARG A 167 -9.37 -15.59 -6.45
CA ARG A 167 -9.56 -14.34 -5.71
C ARG A 167 -8.63 -13.29 -6.31
N ILE A 168 -9.22 -12.21 -6.81
CA ILE A 168 -8.48 -11.09 -7.39
C ILE A 168 -8.99 -9.81 -6.73
N LEU A 169 -8.06 -8.99 -6.23
CA LEU A 169 -8.39 -7.71 -5.63
C LEU A 169 -8.12 -6.59 -6.63
N ILE A 170 -9.11 -5.71 -6.80
CA ILE A 170 -8.97 -4.54 -7.66
C ILE A 170 -9.09 -3.30 -6.78
N VAL A 171 -8.07 -2.46 -6.80
CA VAL A 171 -8.02 -1.23 -6.01
C VAL A 171 -8.06 -0.06 -6.98
N ASP A 172 -9.15 0.69 -6.94
CA ASP A 172 -9.35 1.84 -7.83
C ASP A 172 -9.22 3.10 -6.97
N TRP A 173 -8.00 3.65 -6.92
CA TRP A 173 -7.78 4.89 -6.19
C TRP A 173 -7.86 6.13 -7.08
N ASP A 174 -8.33 5.97 -8.32
CA ASP A 174 -8.70 7.12 -9.13
C ASP A 174 -9.78 7.92 -8.41
N VAL A 175 -9.87 9.21 -8.75
CA VAL A 175 -10.84 10.07 -8.08
C VAL A 175 -12.25 9.89 -8.60
N HIS A 176 -12.43 9.18 -9.72
CA HIS A 176 -13.74 8.89 -10.27
C HIS A 176 -14.11 7.44 -10.00
N HIS A 177 -15.41 7.19 -9.91
CA HIS A 177 -15.90 5.83 -9.67
C HIS A 177 -15.84 5.02 -10.96
N GLY A 178 -15.10 3.91 -10.92
CA GLY A 178 -15.04 3.02 -12.07
C GLY A 178 -16.25 2.13 -12.16
N GLN A 179 -17.40 2.71 -12.53
CA GLN A 179 -18.65 1.96 -12.59
C GLN A 179 -18.60 0.83 -13.62
N GLY A 180 -17.72 0.95 -14.62
CA GLY A 180 -17.58 -0.14 -15.58
C GLY A 180 -17.03 -1.40 -14.93
N ILE A 181 -16.08 -1.24 -14.01
CA ILE A 181 -15.55 -2.39 -13.29
C ILE A 181 -16.60 -2.93 -12.32
N GLN A 182 -17.39 -2.04 -11.71
CA GLN A 182 -18.42 -2.47 -10.78
C GLN A 182 -19.49 -3.29 -11.48
N TYR A 183 -19.97 -2.81 -12.64
CA TYR A 183 -20.97 -3.55 -13.39
C TYR A 183 -20.44 -4.92 -13.82
N CYS A 184 -19.17 -4.98 -14.21
CA CYS A 184 -18.62 -6.20 -14.78
C CYS A 184 -18.53 -7.33 -13.75
N PHE A 185 -18.18 -6.99 -12.51
CA PHE A 185 -17.98 -7.98 -11.46
C PHE A 185 -19.02 -7.86 -10.36
N GLU A 186 -20.21 -7.35 -10.69
CA GLU A 186 -21.22 -7.09 -9.67
C GLU A 186 -21.62 -8.37 -8.93
N GLU A 187 -21.80 -9.46 -9.66
CA GLU A 187 -22.21 -10.73 -9.08
C GLU A 187 -21.07 -11.73 -8.96
N ASP A 188 -19.82 -11.28 -9.10
CA ASP A 188 -18.69 -12.19 -9.06
C ASP A 188 -17.98 -12.07 -7.72
N PRO A 189 -18.08 -13.08 -6.84
CA PRO A 189 -17.32 -13.05 -5.59
C PRO A 189 -15.83 -13.34 -5.75
N SER A 190 -15.40 -13.71 -6.95
CA SER A 190 -13.98 -13.99 -7.17
C SER A 190 -13.16 -12.72 -7.37
N VAL A 191 -13.80 -11.60 -7.71
CA VAL A 191 -13.12 -10.33 -7.91
C VAL A 191 -13.67 -9.35 -6.88
N LEU A 192 -12.80 -8.85 -6.00
CA LEU A 192 -13.16 -7.87 -4.99
C LEU A 192 -12.76 -6.49 -5.47
N TYR A 193 -13.75 -5.61 -5.65
CA TYR A 193 -13.54 -4.27 -6.20
C TYR A 193 -13.70 -3.25 -5.08
N PHE A 194 -12.64 -2.47 -4.85
CA PHE A 194 -12.69 -1.32 -3.95
C PHE A 194 -12.53 -0.05 -4.75
N SER A 195 -13.25 0.99 -4.37
CA SER A 195 -13.20 2.26 -5.07
C SER A 195 -13.57 3.39 -4.14
N TRP A 196 -12.68 4.39 -4.04
CA TRP A 196 -13.05 5.69 -3.48
C TRP A 196 -13.15 6.68 -4.62
N HIS A 197 -14.02 7.68 -4.46
CA HIS A 197 -14.31 8.57 -5.57
C HIS A 197 -14.98 9.84 -5.07
N ARG A 198 -14.72 10.93 -5.78
CA ARG A 198 -15.44 12.17 -5.52
C ARG A 198 -16.91 11.98 -5.90
N TYR A 199 -17.78 12.06 -4.89
CA TYR A 199 -19.21 11.82 -5.07
C TYR A 199 -20.03 13.06 -4.83
N GLU A 200 -19.86 13.72 -3.67
CA GLU A 200 -20.59 14.92 -3.31
C GLU A 200 -22.10 14.69 -3.39
N HIS A 201 -22.54 13.59 -2.77
CA HIS A 201 -23.95 13.24 -2.68
C HIS A 201 -24.59 13.13 -4.07
N GLN A 202 -23.91 12.39 -4.95
CA GLN A 202 -24.32 12.09 -6.32
C GLN A 202 -24.27 13.30 -7.24
N SER A 203 -23.83 14.47 -6.76
CA SER A 203 -23.79 15.65 -7.60
C SER A 203 -22.58 15.67 -8.53
N PHE A 204 -21.56 14.86 -8.27
CA PHE A 204 -20.38 14.81 -9.11
C PHE A 204 -20.47 13.68 -10.13
N TRP A 205 -19.87 13.90 -11.28
CA TRP A 205 -19.87 12.91 -12.36
C TRP A 205 -19.28 11.59 -11.86
N PRO A 206 -19.83 10.44 -12.28
CA PRO A 206 -20.93 10.27 -13.25
C PRO A 206 -22.34 10.32 -12.66
N ASN A 207 -22.49 10.82 -11.44
CA ASN A 207 -23.81 11.07 -10.84
C ASN A 207 -24.66 9.80 -10.78
N LEU A 208 -24.09 8.74 -10.22
CA LEU A 208 -24.75 7.44 -10.19
C LEU A 208 -25.16 7.07 -8.78
N PRO A 209 -26.42 6.68 -8.56
CA PRO A 209 -26.79 6.14 -7.24
C PRO A 209 -26.01 4.90 -6.86
N GLU A 210 -25.60 4.09 -7.85
CA GLU A 210 -24.82 2.90 -7.57
C GLU A 210 -23.41 3.21 -7.08
N SER A 211 -22.95 4.45 -7.20
CA SER A 211 -21.64 4.83 -6.69
C SER A 211 -21.62 5.01 -5.18
N ASP A 212 -22.77 4.89 -4.52
CA ASP A 212 -22.84 5.11 -3.09
C ASP A 212 -22.34 3.88 -2.33
N TYR A 213 -22.21 4.05 -1.00
CA TYR A 213 -21.63 3.01 -0.17
C TYR A 213 -22.53 1.79 -0.03
N SER A 214 -23.82 1.92 -0.32
CA SER A 214 -24.75 0.81 -0.13
C SER A 214 -24.70 -0.23 -1.25
N SER A 215 -24.06 0.09 -2.37
CA SER A 215 -23.87 -0.89 -3.43
C SER A 215 -22.74 -1.83 -3.01
N VAL A 216 -23.11 -3.00 -2.47
CA VAL A 216 -22.16 -3.96 -1.93
C VAL A 216 -22.02 -5.17 -2.84
N GLY A 217 -22.61 -5.13 -4.03
CA GLY A 217 -22.66 -6.28 -4.91
C GLY A 217 -24.02 -6.94 -4.91
N LYS A 218 -24.21 -7.83 -5.86
CA LYS A 218 -25.50 -8.49 -6.07
C LYS A 218 -25.32 -10.00 -6.06
N GLY A 219 -26.33 -10.69 -5.54
CA GLY A 219 -26.33 -12.15 -5.56
C GLY A 219 -25.18 -12.73 -4.76
N LYS A 220 -24.47 -13.68 -5.35
CA LYS A 220 -23.32 -14.30 -4.70
C LYS A 220 -22.13 -13.35 -4.59
N GLY A 221 -22.20 -12.19 -5.21
CA GLY A 221 -21.13 -11.21 -5.11
C GLY A 221 -21.40 -10.14 -4.09
N SER A 222 -22.37 -10.39 -3.21
CA SER A 222 -22.71 -9.41 -2.18
C SER A 222 -21.59 -9.33 -1.15
N GLY A 223 -21.10 -8.12 -0.91
CA GLY A 223 -19.98 -7.89 -0.03
C GLY A 223 -18.64 -7.82 -0.71
N PHE A 224 -18.58 -7.99 -2.03
CA PHE A 224 -17.33 -7.93 -2.78
C PHE A 224 -17.25 -6.68 -3.65
N ASN A 225 -18.12 -5.70 -3.42
CA ASN A 225 -18.03 -4.38 -4.04
C ASN A 225 -18.08 -3.35 -2.93
N ILE A 226 -17.02 -2.55 -2.82
CA ILE A 226 -16.86 -1.60 -1.73
C ILE A 226 -16.67 -0.21 -2.32
N ASN A 227 -17.71 0.62 -2.22
CA ASN A 227 -17.65 2.00 -2.66
C ASN A 227 -17.46 2.91 -1.46
N LEU A 228 -16.47 3.80 -1.52
CA LEU A 228 -16.23 4.79 -0.48
C LEU A 228 -16.38 6.18 -1.08
N PRO A 229 -17.55 6.81 -0.96
CA PRO A 229 -17.78 8.10 -1.62
C PRO A 229 -17.18 9.25 -0.83
N TRP A 230 -16.42 10.11 -1.53
CA TRP A 230 -15.96 11.37 -0.97
C TRP A 230 -17.03 12.42 -1.22
N ASN A 231 -17.70 12.87 -0.16
CA ASN A 231 -18.77 13.84 -0.28
C ASN A 231 -18.30 15.28 -0.15
N LYS A 232 -17.00 15.50 0.02
CA LYS A 232 -16.42 16.83 0.00
C LYS A 232 -15.07 16.76 -0.68
N VAL A 233 -14.67 17.88 -1.30
CA VAL A 233 -13.36 17.96 -1.95
C VAL A 233 -12.31 18.27 -0.89
N GLY A 234 -11.05 18.34 -1.31
CA GLY A 234 -9.97 18.65 -0.39
C GLY A 234 -9.57 17.54 0.55
N MET A 235 -9.85 16.29 0.20
CA MET A 235 -9.43 15.17 1.04
C MET A 235 -7.91 15.10 1.09
N THR A 236 -7.38 14.88 2.29
CA THR A 236 -5.95 14.97 2.55
C THR A 236 -5.33 13.58 2.67
N ASN A 237 -4.05 13.53 3.05
CA ASN A 237 -3.39 12.25 3.28
C ASN A 237 -4.04 11.49 4.42
N SER A 238 -4.51 12.20 5.45
CA SER A 238 -5.14 11.54 6.59
C SER A 238 -6.43 10.83 6.17
N ASP A 239 -7.17 11.40 5.24
CA ASP A 239 -8.39 10.75 4.76
C ASP A 239 -8.06 9.49 3.97
N TYR A 240 -7.04 9.55 3.11
CA TYR A 240 -6.68 8.39 2.30
C TYR A 240 -6.16 7.26 3.17
N LEU A 241 -5.35 7.57 4.18
CA LEU A 241 -4.81 6.54 5.05
C LEU A 241 -5.88 5.96 5.96
N ALA A 242 -6.80 6.80 6.45
CA ALA A 242 -7.94 6.30 7.21
C ALA A 242 -8.81 5.38 6.37
N ALA A 243 -8.93 5.67 5.08
CA ALA A 243 -9.67 4.78 4.18
C ALA A 243 -8.99 3.43 4.07
N PHE A 244 -7.66 3.41 4.05
CA PHE A 244 -6.93 2.14 3.94
C PHE A 244 -6.98 1.37 5.25
N PHE A 245 -6.63 2.02 6.36
CA PHE A 245 -6.51 1.33 7.63
C PHE A 245 -7.85 0.77 8.13
N HIS A 246 -8.94 1.45 7.85
CA HIS A 246 -10.23 1.12 8.45
C HIS A 246 -11.25 0.56 7.47
N VAL A 247 -10.91 0.46 6.18
CA VAL A 247 -11.85 -0.10 5.21
C VAL A 247 -11.14 -1.13 4.32
N LEU A 248 -10.19 -0.66 3.50
CA LEU A 248 -9.64 -1.51 2.46
C LEU A 248 -8.73 -2.59 3.02
N LEU A 249 -7.72 -2.19 3.80
CA LEU A 249 -6.74 -3.16 4.29
C LEU A 249 -7.35 -4.27 5.14
N PRO A 250 -8.26 -4.01 6.08
CA PRO A 250 -8.86 -5.15 6.82
C PRO A 250 -9.58 -6.13 5.91
N VAL A 251 -10.28 -5.63 4.89
CA VAL A 251 -10.97 -6.51 3.96
C VAL A 251 -9.98 -7.22 3.06
N ALA A 252 -8.92 -6.50 2.63
CA ALA A 252 -7.98 -7.07 1.67
C ALA A 252 -7.22 -8.25 2.25
N TYR A 253 -6.79 -8.15 3.51
CA TYR A 253 -6.04 -9.24 4.12
C TYR A 253 -6.93 -10.40 4.56
N GLU A 254 -8.22 -10.15 4.79
CA GLU A 254 -9.15 -11.25 5.01
C GLU A 254 -9.52 -11.91 3.68
N PHE A 255 -9.62 -11.12 2.61
CA PHE A 255 -9.90 -11.67 1.29
C PHE A 255 -8.76 -12.58 0.83
N ASP A 256 -7.52 -12.21 1.14
CA ASP A 256 -6.32 -12.95 0.75
C ASP A 256 -6.29 -13.14 -0.77
N PRO A 257 -6.07 -12.07 -1.54
CA PRO A 257 -6.13 -12.20 -2.99
C PRO A 257 -4.89 -12.89 -3.55
N GLU A 258 -5.08 -13.59 -4.66
CA GLU A 258 -3.98 -14.20 -5.39
C GLU A 258 -3.33 -13.24 -6.37
N LEU A 259 -3.93 -12.08 -6.62
CA LEU A 259 -3.38 -11.08 -7.50
C LEU A 259 -4.03 -9.75 -7.18
N VAL A 260 -3.25 -8.67 -7.25
CA VAL A 260 -3.74 -7.32 -6.98
C VAL A 260 -3.58 -6.49 -8.24
N ILE A 261 -4.68 -5.92 -8.71
CA ILE A 261 -4.68 -5.00 -9.84
C ILE A 261 -5.13 -3.64 -9.33
N VAL A 262 -4.38 -2.60 -9.69
CA VAL A 262 -4.65 -1.25 -9.21
C VAL A 262 -5.08 -0.40 -10.40
N SER A 263 -6.28 0.15 -10.31
CA SER A 263 -6.72 1.21 -11.23
C SER A 263 -6.10 2.50 -10.73
N ALA A 264 -4.89 2.78 -11.20
CA ALA A 264 -4.09 3.87 -10.65
C ALA A 264 -4.38 5.16 -11.41
N GLY A 265 -5.43 5.85 -10.99
CA GLY A 265 -5.71 7.20 -11.47
C GLY A 265 -5.18 8.20 -10.46
N PHE A 266 -4.38 9.14 -10.95
CA PHE A 266 -3.71 10.11 -10.09
C PHE A 266 -4.41 11.46 -10.09
N ASP A 267 -5.65 11.54 -10.58
CA ASP A 267 -6.48 12.71 -10.37
C ASP A 267 -6.94 12.83 -8.93
N SER A 268 -6.59 11.86 -8.07
CA SER A 268 -6.83 11.94 -6.64
C SER A 268 -5.77 12.74 -5.91
N ALA A 269 -4.73 13.20 -6.61
CA ALA A 269 -3.64 13.94 -6.00
C ALA A 269 -3.92 15.44 -6.03
N ILE A 270 -3.13 16.18 -5.25
CA ILE A 270 -3.31 17.63 -5.15
C ILE A 270 -3.03 18.29 -6.49
N GLY A 271 -3.81 19.32 -6.80
CA GLY A 271 -3.61 20.10 -8.01
C GLY A 271 -4.38 19.64 -9.22
N ASP A 272 -5.04 18.47 -9.16
CA ASP A 272 -5.76 17.99 -10.32
C ASP A 272 -7.07 18.74 -10.50
N PRO A 273 -7.43 19.12 -11.73
CA PRO A 273 -8.67 19.89 -11.93
C PRO A 273 -9.93 19.06 -11.71
N GLU A 274 -9.87 17.75 -11.89
CA GLU A 274 -11.07 16.93 -11.73
C GLU A 274 -11.32 16.56 -10.27
N GLY A 275 -10.26 16.16 -9.56
CA GLY A 275 -10.42 15.66 -8.20
C GLY A 275 -10.57 16.74 -7.15
N GLU A 276 -9.76 17.80 -7.25
CA GLU A 276 -9.75 18.89 -6.28
C GLU A 276 -9.47 18.40 -4.86
N MET A 277 -8.72 17.30 -4.75
CA MET A 277 -8.28 16.79 -3.46
C MET A 277 -6.93 17.43 -3.09
N CYS A 278 -6.41 17.07 -1.91
CA CYS A 278 -5.21 17.70 -1.41
C CYS A 278 -4.16 16.70 -0.93
N ALA A 279 -4.21 15.46 -1.42
CA ALA A 279 -3.21 14.48 -1.06
C ALA A 279 -1.94 14.69 -1.87
N LEU A 280 -0.80 14.60 -1.20
CA LEU A 280 0.49 14.78 -1.85
C LEU A 280 0.86 13.55 -2.67
N PRO A 281 1.73 13.71 -3.67
CA PRO A 281 2.20 12.52 -4.42
C PRO A 281 2.89 11.49 -3.56
N GLU A 282 3.43 11.88 -2.40
CA GLU A 282 4.09 10.93 -1.52
C GLU A 282 3.13 9.88 -0.97
N ILE A 283 1.83 10.18 -0.91
CA ILE A 283 0.89 9.24 -0.33
C ILE A 283 0.76 7.99 -1.21
N PHE A 284 0.99 8.13 -2.52
CA PHE A 284 0.89 6.98 -3.41
C PHE A 284 2.04 6.01 -3.23
N ALA A 285 3.17 6.47 -2.68
CA ALA A 285 4.24 5.56 -2.32
C ALA A 285 3.82 4.63 -1.19
N HIS A 286 2.95 5.11 -0.30
CA HIS A 286 2.46 4.31 0.81
C HIS A 286 1.23 3.48 0.44
N LEU A 287 0.34 4.05 -0.37
CA LEU A 287 -0.79 3.27 -0.88
C LEU A 287 -0.30 2.04 -1.65
N THR A 288 0.82 2.18 -2.36
CA THR A 288 1.42 1.03 -3.02
C THR A 288 2.07 0.10 -2.01
N HIS A 289 2.85 0.65 -1.09
CA HIS A 289 3.60 -0.18 -0.14
C HIS A 289 2.67 -0.97 0.76
N LEU A 290 1.54 -0.40 1.14
CA LEU A 290 0.61 -1.10 2.02
C LEU A 290 -0.08 -2.28 1.35
N LEU A 291 -0.11 -2.31 0.02
CA LEU A 291 -0.73 -3.41 -0.71
C LEU A 291 0.27 -4.48 -1.12
N MET A 292 1.57 -4.18 -1.09
CA MET A 292 2.57 -5.13 -1.55
C MET A 292 2.63 -6.42 -0.74
N PRO A 293 2.39 -6.45 0.58
CA PRO A 293 2.35 -7.74 1.29
C PRO A 293 1.23 -8.67 0.83
N LEU A 294 0.34 -8.22 -0.04
CA LEU A 294 -0.74 -9.06 -0.53
C LEU A 294 -0.31 -9.81 -1.79
N ALA A 295 -0.83 -11.02 -1.93
CA ALA A 295 -0.61 -11.85 -3.12
C ALA A 295 0.87 -12.07 -3.41
N ALA A 296 1.69 -12.17 -2.36
CA ALA A 296 3.13 -12.37 -2.48
C ALA A 296 3.79 -11.27 -3.31
N GLY A 297 3.21 -10.07 -3.31
CA GLY A 297 3.76 -8.94 -4.04
C GLY A 297 3.31 -8.83 -5.48
N LYS A 298 2.57 -9.80 -6.00
CA LYS A 298 2.12 -9.78 -7.39
C LYS A 298 1.11 -8.65 -7.55
N MET A 299 1.58 -7.50 -8.04
CA MET A 299 0.77 -6.30 -8.14
C MET A 299 0.89 -5.72 -9.54
N CYS A 300 -0.25 -5.40 -10.14
CA CYS A 300 -0.30 -4.89 -11.51
C CYS A 300 -0.94 -3.50 -11.47
N VAL A 301 -0.13 -2.48 -11.75
CA VAL A 301 -0.56 -1.08 -11.68
C VAL A 301 -0.88 -0.61 -13.08
N VAL A 302 -2.14 -0.23 -13.31
CA VAL A 302 -2.59 0.24 -14.62
C VAL A 302 -3.01 1.70 -14.48
N LEU A 303 -2.54 2.54 -15.40
CA LEU A 303 -2.83 3.96 -15.35
C LEU A 303 -4.25 4.25 -15.79
N GLU A 304 -4.92 5.14 -15.03
CA GLU A 304 -6.28 5.56 -15.37
C GLU A 304 -6.24 7.06 -15.63
N GLY A 305 -6.60 7.88 -14.64
CA GLY A 305 -6.66 9.32 -14.82
C GLY A 305 -5.44 10.03 -14.26
N GLY A 306 -5.54 11.36 -14.18
CA GLY A 306 -4.45 12.21 -13.76
C GLY A 306 -4.16 13.28 -14.81
N TYR A 307 -4.46 14.55 -14.50
CA TYR A 307 -4.51 15.58 -15.52
C TYR A 307 -3.69 16.82 -15.24
N ASN A 308 -3.20 17.03 -14.02
CA ASN A 308 -2.22 18.07 -13.76
C ASN A 308 -0.85 17.52 -14.13
N LEU A 309 -0.27 18.03 -15.22
CA LEU A 309 0.93 17.42 -15.78
C LEU A 309 2.10 17.44 -14.80
N THR A 310 2.14 18.41 -13.90
CA THR A 310 3.16 18.40 -12.86
C THR A 310 2.79 17.45 -11.72
N SER A 311 1.54 17.49 -11.28
CA SER A 311 1.08 16.58 -10.24
C SER A 311 1.08 15.12 -10.71
N LEU A 312 1.04 14.90 -12.03
CA LEU A 312 0.96 13.53 -12.55
C LEU A 312 2.30 12.82 -12.47
N GLY A 313 3.35 13.45 -13.00
CA GLY A 313 4.66 12.80 -13.03
C GLY A 313 5.19 12.49 -11.64
N GLN A 314 4.92 13.37 -10.67
CA GLN A 314 5.44 13.16 -9.33
C GLN A 314 4.85 11.92 -8.68
N SER A 315 3.53 11.71 -8.84
CA SER A 315 2.87 10.56 -8.24
C SER A 315 3.20 9.26 -8.96
N VAL A 316 3.46 9.33 -10.28
CA VAL A 316 3.84 8.12 -11.00
C VAL A 316 5.17 7.59 -10.50
N CYS A 317 6.14 8.49 -10.29
CA CYS A 317 7.46 8.07 -9.81
C CYS A 317 7.39 7.57 -8.37
N GLN A 318 6.54 8.19 -7.54
CA GLN A 318 6.36 7.70 -6.18
C GLN A 318 5.77 6.30 -6.17
N THR A 319 4.94 5.97 -7.17
CA THR A 319 4.38 4.62 -7.27
C THR A 319 5.46 3.64 -7.71
N VAL A 320 6.25 3.99 -8.72
CA VAL A 320 7.31 3.10 -9.19
C VAL A 320 8.41 2.97 -8.15
N HIS A 321 8.70 4.04 -7.41
CA HIS A 321 9.66 3.96 -6.31
C HIS A 321 9.30 2.85 -5.34
N SER A 322 8.02 2.74 -4.99
CA SER A 322 7.61 1.70 -4.06
C SER A 322 7.60 0.33 -4.71
N LEU A 323 7.27 0.27 -6.01
CA LEU A 323 7.30 -1.00 -6.72
C LEU A 323 8.71 -1.57 -6.76
N LEU A 324 9.71 -0.71 -6.92
CA LEU A 324 11.10 -1.12 -6.92
C LEU A 324 11.66 -1.37 -5.52
N GLY A 325 10.87 -1.11 -4.48
CA GLY A 325 11.32 -1.34 -3.12
C GLY A 325 12.11 -0.21 -2.51
N ASP A 326 12.12 0.97 -3.11
CA ASP A 326 12.84 2.11 -2.56
C ASP A 326 12.17 2.56 -1.27
N PRO A 327 12.92 3.22 -0.38
CA PRO A 327 12.35 3.64 0.91
C PRO A 327 11.21 4.63 0.73
N THR A 328 10.16 4.44 1.52
CA THR A 328 9.00 5.31 1.44
C THR A 328 9.28 6.63 2.15
N PRO A 329 8.80 7.75 1.61
CA PRO A 329 9.05 9.04 2.26
C PRO A 329 8.23 9.19 3.54
N ARG A 330 8.76 9.97 4.47
CA ARG A 330 8.06 10.24 5.72
C ARG A 330 6.86 11.15 5.46
N ILE A 331 5.73 10.82 6.07
CA ILE A 331 4.51 11.61 5.97
C ILE A 331 4.28 12.29 7.30
N SER A 332 4.35 13.62 7.30
CA SER A 332 4.14 14.43 8.49
C SER A 332 2.79 15.13 8.42
N GLY A 333 2.34 15.63 9.57
CA GLY A 333 1.08 16.33 9.65
C GLY A 333 -0.14 15.45 9.60
N LEU A 334 0.00 14.15 9.88
CA LEU A 334 -1.14 13.25 9.83
C LEU A 334 -1.96 13.38 11.10
N GLY A 335 -3.27 13.23 10.95
CA GLY A 335 -4.19 13.32 12.06
C GLY A 335 -5.49 12.64 11.73
N THR A 336 -6.56 13.10 12.35
CA THR A 336 -7.88 12.53 12.11
C THR A 336 -8.37 12.86 10.71
N ALA A 337 -9.19 11.97 10.17
CA ALA A 337 -9.90 12.29 8.95
C ALA A 337 -10.95 13.35 9.22
N CYS A 338 -11.33 14.08 8.17
CA CYS A 338 -12.36 15.09 8.32
C CYS A 338 -13.71 14.42 8.60
N ASP A 339 -14.67 15.23 9.04
CA ASP A 339 -15.97 14.70 9.43
C ASP A 339 -16.68 14.03 8.26
N SER A 340 -16.57 14.61 7.06
CA SER A 340 -17.20 14.00 5.89
C SER A 340 -16.60 12.64 5.58
N ALA A 341 -15.26 12.54 5.65
CA ALA A 341 -14.61 11.25 5.42
C ALA A 341 -14.97 10.24 6.51
N LEU A 342 -15.04 10.70 7.76
CA LEU A 342 -15.39 9.80 8.85
C LEU A 342 -16.82 9.29 8.71
N GLU A 343 -17.72 10.15 8.23
CA GLU A 343 -19.09 9.71 7.98
C GLU A 343 -19.13 8.67 6.87
N SER A 344 -18.39 8.92 5.78
CA SER A 344 -18.32 7.94 4.70
C SER A 344 -17.72 6.62 5.20
N ILE A 345 -16.58 6.70 5.88
CA ILE A 345 -15.94 5.49 6.40
C ILE A 345 -16.87 4.76 7.36
N GLN A 346 -17.59 5.51 8.20
CA GLN A 346 -18.53 4.90 9.13
C GLN A 346 -19.65 4.17 8.41
N ASN A 347 -20.13 4.74 7.31
CA ASN A 347 -21.27 4.15 6.60
C ASN A 347 -20.87 2.88 5.85
N VAL A 348 -19.71 2.89 5.21
CA VAL A 348 -19.26 1.70 4.48
C VAL A 348 -19.00 0.54 5.44
N ARG A 349 -18.38 0.84 6.59
CA ARG A 349 -18.10 -0.22 7.56
C ARG A 349 -19.40 -0.84 8.09
N ASN A 350 -20.43 -0.02 8.28
CA ASN A 350 -21.70 -0.53 8.79
C ASN A 350 -22.40 -1.42 7.76
N VAL A 351 -22.42 -0.98 6.50
CA VAL A 351 -23.15 -1.74 5.48
C VAL A 351 -22.39 -3.01 5.11
N GLN A 352 -21.07 -3.01 5.27
CA GLN A 352 -20.27 -4.20 5.03
C GLN A 352 -20.12 -5.06 6.28
N SER A 353 -20.72 -4.64 7.39
CA SER A 353 -20.62 -5.39 8.65
C SER A 353 -21.12 -6.82 8.52
N SER A 354 -22.07 -7.09 7.63
CA SER A 354 -22.64 -8.42 7.51
C SER A 354 -21.84 -9.34 6.60
N TYR A 355 -20.79 -8.83 5.95
CA TYR A 355 -20.02 -9.62 5.00
C TYR A 355 -18.56 -9.82 5.39
N TRP A 356 -18.01 -9.03 6.31
CA TRP A 356 -16.60 -9.10 6.64
C TRP A 356 -16.42 -9.12 8.14
N SER A 357 -15.36 -9.83 8.58
CA SER A 357 -15.17 -10.10 10.01
C SER A 357 -14.85 -8.83 10.78
N SER A 358 -14.00 -7.96 10.22
CA SER A 358 -13.45 -6.85 10.99
C SER A 358 -14.49 -5.81 11.38
N PHE A 359 -15.66 -5.81 10.74
CA PHE A 359 -16.65 -4.75 10.94
C PHE A 359 -17.73 -5.21 11.89
N LYS A 360 -18.02 -4.37 12.89
CA LYS A 360 -19.01 -4.66 13.94
C LYS A 360 -18.82 -6.05 14.55
N SER A 412 24.22 0.71 -1.31
CA SER A 412 24.64 -0.58 -1.84
C SER A 412 24.02 -1.73 -1.05
N VAL A 413 23.97 -1.58 0.27
CA VAL A 413 23.42 -2.58 1.17
C VAL A 413 22.14 -2.02 1.79
N ARG A 414 21.08 -2.82 1.77
CA ARG A 414 19.82 -2.42 2.39
C ARG A 414 19.72 -2.90 3.84
N THR A 415 20.16 -4.14 4.10
CA THR A 415 20.00 -4.75 5.42
C THR A 415 21.34 -5.29 5.91
N VAL A 416 21.64 -5.06 7.18
CA VAL A 416 22.82 -5.60 7.84
C VAL A 416 22.38 -6.59 8.89
N VAL A 417 23.04 -7.75 8.94
CA VAL A 417 22.68 -8.81 9.87
C VAL A 417 23.90 -9.13 10.73
N VAL A 418 23.67 -9.27 12.04
CA VAL A 418 24.72 -9.68 12.96
C VAL A 418 24.25 -10.93 13.70
N PRO A 419 24.51 -12.12 13.17
CA PRO A 419 24.14 -13.34 13.88
C PRO A 419 25.05 -13.57 15.07
N PRO A 420 24.76 -14.56 15.91
CA PRO A 420 25.69 -14.91 17.00
C PRO A 420 27.07 -15.24 16.46
N PRO A 421 28.12 -15.06 17.26
CA PRO A 421 29.48 -15.34 16.76
C PRO A 421 29.65 -16.80 16.35
N GLY A 422 30.01 -17.00 15.08
CA GLY A 422 30.20 -18.31 14.51
C GLY A 422 29.09 -18.73 13.56
N VAL A 423 27.87 -18.24 13.78
CA VAL A 423 26.75 -18.61 12.93
C VAL A 423 26.89 -17.91 11.58
N GLU A 424 26.95 -18.69 10.50
CA GLU A 424 27.01 -18.17 9.14
C GLU A 424 25.81 -18.70 8.37
N LEU A 425 25.09 -17.80 7.71
CA LEU A 425 23.89 -18.17 6.97
C LEU A 425 23.91 -17.49 5.60
N THR A 426 23.13 -18.06 4.68
CA THR A 426 23.02 -17.50 3.34
C THR A 426 22.17 -16.24 3.38
N LEU A 427 22.73 -15.14 2.89
CA LEU A 427 22.04 -13.86 2.89
C LEU A 427 21.60 -13.48 1.47
N PRO A 428 20.46 -12.81 1.34
CA PRO A 428 20.08 -12.27 0.02
C PRO A 428 21.12 -11.30 -0.49
N LYS A 429 20.97 -10.94 -1.77
CA LYS A 429 22.01 -10.18 -2.47
C LYS A 429 22.25 -8.82 -1.82
N ASN A 430 21.17 -8.17 -1.35
CA ASN A 430 21.27 -6.82 -0.81
C ASN A 430 21.48 -6.79 0.70
N CYS A 431 22.06 -7.83 1.27
CA CYS A 431 22.32 -7.89 2.70
C CYS A 431 23.78 -8.23 2.96
N GLN A 432 24.22 -7.92 4.18
CA GLN A 432 25.63 -7.98 4.53
C GLN A 432 25.78 -8.25 6.02
N HIS A 433 26.87 -8.93 6.38
CA HIS A 433 27.19 -9.15 7.78
C HIS A 433 27.65 -7.85 8.42
N SER A 434 28.01 -7.93 9.70
CA SER A 434 28.48 -6.77 10.44
C SER A 434 29.73 -6.17 9.82
N ILE A 437 34.12 -3.28 12.89
CA ILE A 437 33.88 -2.68 14.20
C ILE A 437 34.90 -1.56 14.44
N SER A 438 34.41 -0.35 14.68
CA SER A 438 35.28 0.81 14.74
C SER A 438 36.05 0.86 16.05
N GLU A 439 37.03 1.75 16.10
CA GLU A 439 37.71 2.06 17.35
C GLU A 439 36.98 3.12 18.14
N SER A 440 36.26 4.02 17.47
CA SER A 440 35.42 4.99 18.16
C SER A 440 34.22 4.31 18.80
N THR A 441 33.62 3.33 18.11
CA THR A 441 32.54 2.54 18.71
C THR A 441 33.04 1.78 19.92
N ALA A 442 34.24 1.19 19.82
CA ALA A 442 34.80 0.47 20.95
C ALA A 442 35.00 1.38 22.15
N LYS A 443 35.42 2.63 21.92
CA LYS A 443 35.58 3.57 23.01
C LYS A 443 34.24 4.00 23.59
N GLU A 444 33.21 4.12 22.75
CA GLU A 444 31.90 4.53 23.25
C GLU A 444 31.25 3.42 24.06
N VAL A 445 31.41 2.17 23.63
CA VAL A 445 30.92 1.05 24.44
C VAL A 445 31.64 1.02 25.78
N GLN A 446 32.93 1.38 25.78
CA GLN A 446 33.66 1.51 27.04
C GLN A 446 33.09 2.65 27.88
N ARG A 447 32.75 3.77 27.23
CA ARG A 447 32.18 4.90 27.96
C ARG A 447 30.80 4.56 28.52
N ILE A 448 30.00 3.84 27.75
CA ILE A 448 28.66 3.48 28.21
C ILE A 448 28.73 2.50 29.37
N ARG A 449 29.70 1.59 29.35
CA ARG A 449 29.81 0.56 30.38
C ARG A 449 30.07 1.18 31.74
N ASP A 450 31.10 2.03 31.84
CA ASP A 450 31.55 2.52 33.14
C ASP A 450 30.55 3.47 33.79
N LYS A 451 29.67 4.09 33.01
CA LYS A 451 28.70 5.02 33.59
C LYS A 451 27.39 4.34 33.96
N HIS A 452 26.93 3.38 33.17
CA HIS A 452 25.60 2.82 33.34
C HIS A 452 25.57 1.32 33.66
N PHE A 453 26.66 0.58 33.41
CA PHE A 453 26.71 -0.86 33.67
C PHE A 453 28.09 -1.21 34.25
N HIS A 454 28.31 -0.78 35.50
CA HIS A 454 29.63 -0.96 36.12
C HIS A 454 29.96 -2.44 36.29
N ASP A 455 29.05 -3.21 36.88
CA ASP A 455 29.27 -4.64 37.12
C ASP A 455 28.76 -5.44 35.92
N LEU A 456 29.49 -5.33 34.82
CA LEU A 456 29.12 -6.01 33.59
C LEU A 456 30.40 -6.30 32.81
N THR A 457 30.74 -7.58 32.68
CA THR A 457 31.99 -8.00 32.06
C THR A 457 31.82 -8.98 30.90
N ASP A 458 30.61 -9.49 30.66
CA ASP A 458 30.37 -10.43 29.56
C ASP A 458 30.80 -9.81 28.23
N GLN A 459 31.99 -10.20 27.75
CA GLN A 459 32.56 -9.58 26.56
C GLN A 459 31.81 -9.92 25.28
N ASN A 460 30.84 -10.83 25.33
CA ASN A 460 29.96 -11.04 24.19
C ASN A 460 28.75 -10.12 24.22
N ILE A 461 28.29 -9.75 25.42
CA ILE A 461 27.30 -8.69 25.53
C ILE A 461 27.87 -7.38 25.01
N LEU A 462 29.16 -7.13 25.28
CA LEU A 462 29.81 -5.95 24.75
C LEU A 462 29.92 -5.99 23.23
N ARG A 463 30.03 -7.19 22.66
CA ARG A 463 30.11 -7.32 21.21
C ARG A 463 28.82 -6.84 20.56
N SER A 464 27.67 -7.27 21.09
CA SER A 464 26.39 -6.89 20.52
C SER A 464 26.16 -5.38 20.64
N LEU A 465 26.58 -4.79 21.76
CA LEU A 465 26.41 -3.35 21.93
C LEU A 465 27.25 -2.57 20.92
N GLY A 466 28.43 -3.09 20.59
CA GLY A 466 29.23 -2.45 19.55
C GLY A 466 28.59 -2.58 18.18
N ASN A 467 27.94 -3.72 17.92
CA ASN A 467 27.24 -3.89 16.66
C ASN A 467 26.00 -2.98 16.58
N ILE A 468 25.28 -2.85 17.69
CA ILE A 468 24.11 -1.99 17.72
C ILE A 468 24.49 -0.56 17.37
N ILE A 469 25.57 -0.06 17.97
CA ILE A 469 26.04 1.28 17.64
C ILE A 469 26.51 1.35 16.19
N SER A 470 27.24 0.32 15.73
CA SER A 470 27.74 0.32 14.37
C SER A 470 26.59 0.28 13.36
N VAL A 471 25.59 -0.56 13.61
CA VAL A 471 24.46 -0.65 12.68
C VAL A 471 23.66 0.64 12.67
N LEU A 472 23.40 1.20 13.87
CA LEU A 472 22.63 2.44 13.94
C LEU A 472 23.37 3.59 13.29
N ASP A 473 24.69 3.65 13.44
CA ASP A 473 25.47 4.71 12.82
C ASP A 473 25.40 4.65 11.31
N ARG A 474 25.41 3.44 10.75
CA ARG A 474 25.30 3.27 9.30
C ARG A 474 23.88 3.52 8.80
N MET A 475 22.87 3.34 9.64
CA MET A 475 21.48 3.52 9.21
C MET A 475 21.11 4.99 9.12
N MET A 476 21.45 5.78 10.14
CA MET A 476 20.99 7.15 10.23
C MET A 476 21.94 8.14 9.55
N ARG A 477 23.25 7.97 9.74
CA ARG A 477 24.23 8.93 9.26
C ARG A 477 24.85 8.56 7.91
N SER A 478 25.23 7.29 7.73
CA SER A 478 25.96 6.91 6.53
C SER A 478 25.11 6.97 5.28
N ASP A 479 23.78 6.80 5.42
CA ASP A 479 22.83 6.79 4.32
C ASP A 479 23.12 5.68 3.30
N GLU A 480 24.07 4.80 3.59
CA GLU A 480 24.36 3.66 2.72
C GLU A 480 23.70 2.37 3.20
N VAL A 481 23.31 2.31 4.47
CA VAL A 481 22.55 1.19 5.02
C VAL A 481 21.21 1.72 5.49
N CYS A 482 20.14 0.97 5.22
CA CYS A 482 18.79 1.38 5.57
C CYS A 482 18.33 0.81 6.90
N ASN A 483 18.29 -0.53 7.02
CA ASN A 483 17.84 -1.19 8.23
C ASN A 483 18.83 -2.31 8.57
N GLY A 484 18.54 -3.01 9.67
CA GLY A 484 19.40 -4.08 10.11
C GLY A 484 18.74 -4.93 11.17
N CYS A 485 19.39 -6.05 11.47
CA CYS A 485 18.92 -6.98 12.49
C CYS A 485 20.12 -7.48 13.28
N VAL A 486 19.99 -7.49 14.61
CA VAL A 486 21.07 -7.89 15.50
C VAL A 486 20.53 -8.91 16.49
N VAL A 487 21.17 -10.07 16.57
CA VAL A 487 20.83 -11.08 17.57
C VAL A 487 21.44 -10.66 18.90
N VAL A 488 20.65 -10.80 19.97
CA VAL A 488 20.96 -10.16 21.24
C VAL A 488 20.83 -11.16 22.38
N SER A 489 21.75 -11.08 23.33
CA SER A 489 21.72 -11.89 24.54
C SER A 489 20.93 -11.24 25.67
N ASP A 490 21.48 -10.18 26.24
CA ASP A 490 20.84 -9.45 27.32
C ASP A 490 19.90 -8.40 26.73
N LEU A 491 18.62 -8.45 27.12
CA LEU A 491 17.64 -7.53 26.55
C LEU A 491 17.79 -6.12 27.12
N SER A 492 17.74 -6.01 28.45
CA SER A 492 17.63 -4.69 29.09
C SER A 492 18.79 -3.78 28.70
N VAL A 493 20.01 -4.32 28.65
CA VAL A 493 21.15 -3.50 28.29
C VAL A 493 21.17 -3.20 26.79
N SER A 494 20.68 -4.14 25.97
CA SER A 494 20.70 -3.93 24.53
C SER A 494 19.63 -2.92 24.11
N VAL A 495 18.43 -3.03 24.67
CA VAL A 495 17.38 -2.07 24.35
C VAL A 495 17.76 -0.68 24.82
N GLN A 496 18.33 -0.59 26.02
CA GLN A 496 18.74 0.71 26.55
C GLN A 496 19.81 1.35 25.67
N CYS A 497 20.80 0.58 25.24
CA CYS A 497 21.84 1.13 24.37
C CYS A 497 21.28 1.51 23.00
N ALA A 498 20.42 0.67 22.43
CA ALA A 498 19.84 0.98 21.13
C ALA A 498 18.95 2.21 21.19
N LEU A 499 18.09 2.29 22.21
CA LEU A 499 17.16 3.40 22.30
C LEU A 499 17.87 4.71 22.64
N GLN A 500 18.82 4.67 23.58
CA GLN A 500 19.49 5.89 24.00
C GLN A 500 20.44 6.41 22.93
N HIS A 501 21.13 5.51 22.22
CA HIS A 501 22.03 5.95 21.16
C HIS A 501 21.27 6.53 19.98
N ALA A 502 20.05 6.06 19.74
CA ALA A 502 19.26 6.59 18.62
C ALA A 502 18.76 8.00 18.92
N LEU A 503 18.39 8.27 20.18
CA LEU A 503 17.86 9.59 20.52
C LEU A 503 18.91 10.67 20.37
N THR A 504 20.18 10.35 20.59
CA THR A 504 21.27 11.30 20.41
C THR A 504 21.90 11.23 19.03
N GLU A 505 21.34 10.44 18.13
CA GLU A 505 21.91 10.31 16.79
C GLU A 505 21.89 11.60 15.96
N PRO A 506 20.85 12.45 16.00
CA PRO A 506 19.57 12.39 16.72
C PRO A 506 18.40 11.84 15.92
N ALA A 507 17.64 10.94 16.53
CA ALA A 507 16.34 10.52 16.03
C ALA A 507 15.30 11.16 16.95
N GLU A 508 14.64 12.20 16.44
CA GLU A 508 13.75 12.99 17.29
C GLU A 508 12.62 12.15 17.87
N ARG A 509 12.18 11.12 17.15
CA ARG A 509 11.12 10.23 17.62
C ARG A 509 11.48 8.80 17.25
N VAL A 510 11.23 7.87 18.18
CA VAL A 510 11.54 6.46 18.00
C VAL A 510 10.30 5.67 18.34
N LEU A 511 9.84 4.84 17.40
CA LEU A 511 8.75 3.90 17.66
C LEU A 511 9.34 2.56 18.08
N VAL A 512 8.86 2.04 19.20
CA VAL A 512 9.34 0.78 19.76
C VAL A 512 8.20 -0.23 19.71
N VAL A 513 8.40 -1.30 18.97
CA VAL A 513 7.44 -2.41 18.89
C VAL A 513 8.08 -3.62 19.55
N TYR A 514 7.52 -4.04 20.68
CA TYR A 514 8.11 -5.06 21.53
C TYR A 514 7.15 -6.23 21.66
N VAL A 515 7.62 -7.42 21.27
CA VAL A 515 6.84 -8.64 21.42
C VAL A 515 7.44 -9.39 22.61
N GLY A 516 6.92 -9.08 23.79
CA GLY A 516 7.41 -9.72 25.01
C GLY A 516 6.52 -9.38 26.17
N ASP A 517 6.96 -9.78 27.37
CA ASP A 517 6.13 -9.69 28.55
C ASP A 517 6.70 -8.80 29.64
N GLY A 518 8.01 -8.70 29.77
CA GLY A 518 8.60 -7.89 30.82
C GLY A 518 8.42 -6.41 30.55
N GLU A 519 8.94 -5.62 31.49
CA GLU A 519 9.00 -4.17 31.34
C GLU A 519 10.41 -3.77 30.93
N LEU A 520 10.50 -2.87 29.94
CA LEU A 520 11.79 -2.56 29.36
C LEU A 520 12.22 -1.14 29.73
N PRO A 521 13.53 -0.88 29.80
CA PRO A 521 14.01 0.48 30.11
C PRO A 521 13.65 1.47 29.02
N VAL A 522 12.36 1.78 28.89
CA VAL A 522 11.84 2.64 27.83
C VAL A 522 10.97 3.70 28.48
N LYS A 523 11.39 4.95 28.39
CA LYS A 523 10.64 6.08 28.94
C LYS A 523 9.74 6.65 27.85
N THR A 524 8.43 6.66 28.11
CA THR A 524 7.43 7.14 27.16
C THR A 524 6.71 8.38 27.69
N ASN A 525 7.38 9.17 28.52
CA ASN A 525 6.77 10.30 29.19
C ASN A 525 7.17 11.66 28.62
N ASP A 526 7.97 11.69 27.56
CA ASP A 526 8.44 12.94 26.99
C ASP A 526 8.02 13.14 25.53
N GLY A 527 7.21 12.25 24.97
CA GLY A 527 6.74 12.41 23.61
C GLY A 527 7.75 12.03 22.53
N LYS A 528 8.96 11.61 22.90
CA LYS A 528 9.95 11.18 21.94
C LYS A 528 9.87 9.69 21.63
N VAL A 529 9.12 8.93 22.40
CA VAL A 529 9.05 7.47 22.26
C VAL A 529 7.60 7.05 22.37
N PHE A 530 7.16 6.19 21.44
CA PHE A 530 5.89 5.48 21.56
C PHE A 530 6.17 3.99 21.70
N LEU A 531 5.48 3.35 22.63
CA LEU A 531 5.72 1.96 22.98
C LEU A 531 4.53 1.11 22.51
N VAL A 532 4.80 0.14 21.64
CA VAL A 532 3.82 -0.84 21.22
C VAL A 532 4.28 -2.20 21.75
N GLN A 533 3.47 -2.80 22.62
CA GLN A 533 3.83 -4.05 23.27
C GLN A 533 2.75 -5.10 23.02
N ILE A 534 3.15 -6.25 22.51
CA ILE A 534 2.29 -7.41 22.35
C ILE A 534 2.73 -8.44 23.37
N CYS A 535 1.91 -8.68 24.37
CA CYS A 535 2.30 -9.48 25.53
C CYS A 535 1.29 -10.60 25.75
N THR A 536 1.53 -11.39 26.80
CA THR A 536 0.62 -12.46 27.19
C THR A 536 -0.21 -12.11 28.43
N LYS A 537 0.25 -11.20 29.27
CA LYS A 537 -0.45 -10.81 30.49
C LYS A 537 -1.17 -9.49 30.27
N GLU A 538 -2.45 -9.45 30.61
CA GLU A 538 -3.25 -8.25 30.43
C GLU A 538 -2.77 -7.17 31.38
N THR A 539 -2.29 -6.06 30.81
CA THR A 539 -1.75 -4.95 31.59
C THR A 539 -2.63 -3.72 31.41
N GLU A 540 -2.91 -3.06 32.53
CA GLU A 540 -3.64 -1.79 32.48
C GLU A 540 -2.75 -0.71 31.90
N ASP A 541 -3.18 -0.14 30.78
CA ASP A 541 -2.42 0.92 30.11
C ASP A 541 -2.72 2.25 30.78
N LYS A 542 -1.68 2.91 31.29
CA LYS A 542 -1.86 4.14 32.05
C LYS A 542 -1.99 5.36 31.15
N CYS A 543 -1.11 5.51 30.16
CA CYS A 543 -0.95 6.78 29.48
C CYS A 543 -1.14 6.62 27.97
N VAL A 544 -1.29 7.75 27.29
CA VAL A 544 -1.75 7.82 25.92
C VAL A 544 -0.61 7.62 24.91
N ASN A 545 0.58 7.25 25.41
CA ASN A 545 1.73 7.07 24.53
C ASN A 545 2.30 5.65 24.59
N ARG A 546 1.52 4.70 25.12
CA ARG A 546 1.87 3.29 25.06
C ARG A 546 0.65 2.50 24.61
N LEU A 547 0.87 1.50 23.77
CA LEU A 547 -0.20 0.66 23.24
C LEU A 547 0.15 -0.80 23.52
N THR A 548 -0.56 -1.42 24.46
CA THR A 548 -0.29 -2.78 24.91
C THR A 548 -1.43 -3.67 24.47
N LEU A 549 -1.10 -4.74 23.72
CA LEU A 549 -2.09 -5.66 23.16
C LEU A 549 -1.87 -7.04 23.77
N CYS A 550 -2.83 -7.50 24.56
CA CYS A 550 -2.82 -8.82 25.16
C CYS A 550 -3.87 -9.66 24.44
N LEU A 551 -3.42 -10.53 23.54
CA LEU A 551 -4.32 -11.37 22.75
C LEU A 551 -4.51 -12.71 23.43
N ARG A 552 -5.78 -13.09 23.65
CA ARG A 552 -6.10 -14.37 24.26
C ARG A 552 -5.64 -15.51 23.39
N GLU A 553 -4.72 -16.33 23.91
CA GLU A 553 -4.03 -17.34 23.12
C GLU A 553 -5.01 -18.34 22.49
N GLY A 554 -4.55 -18.98 21.43
CA GLY A 554 -5.33 -19.96 20.70
C GLY A 554 -4.95 -19.95 19.24
N GLU A 555 -5.85 -20.48 18.41
CA GLU A 555 -5.66 -20.50 16.96
C GLU A 555 -6.17 -19.22 16.29
N SER A 556 -6.61 -18.22 17.06
CA SER A 556 -7.16 -16.96 16.53
C SER A 556 -6.19 -15.79 16.60
N LEU A 557 -4.92 -16.03 16.93
CA LEU A 557 -3.98 -14.94 17.17
C LEU A 557 -3.59 -14.22 15.88
N THR A 558 -3.45 -14.95 14.78
CA THR A 558 -3.06 -14.32 13.53
C THR A 558 -4.10 -13.33 13.05
N ALA A 559 -5.39 -13.69 13.15
CA ALA A 559 -6.44 -12.78 12.74
C ALA A 559 -6.55 -11.58 13.67
N GLY A 560 -6.46 -11.82 14.98
CA GLY A 560 -6.55 -10.71 15.92
C GLY A 560 -5.35 -9.78 15.85
N PHE A 561 -4.16 -10.34 15.63
CA PHE A 561 -2.97 -9.50 15.51
C PHE A 561 -3.01 -8.66 14.25
N MET A 562 -3.48 -9.24 13.13
CA MET A 562 -3.56 -8.49 11.88
C MET A 562 -4.58 -7.36 11.99
N GLN A 563 -5.68 -7.59 12.71
CA GLN A 563 -6.65 -6.52 12.91
C GLN A 563 -6.09 -5.42 13.79
N ALA A 564 -5.30 -5.78 14.80
CA ALA A 564 -4.64 -4.78 15.63
C ALA A 564 -3.53 -4.06 14.86
N LEU A 565 -2.88 -4.76 13.93
CA LEU A 565 -1.82 -4.14 13.14
C LEU A 565 -2.39 -3.09 12.20
N LEU A 566 -3.44 -3.45 11.45
CA LEU A 566 -4.04 -2.52 10.50
C LEU A 566 -4.90 -1.46 11.16
N GLY A 567 -5.53 -1.80 12.29
CA GLY A 567 -6.50 -0.90 12.89
C GLY A 567 -5.98 -0.03 14.01
N LEU A 568 -4.87 -0.43 14.64
CA LEU A 568 -4.35 0.31 15.78
C LEU A 568 -2.89 0.70 15.60
N ILE A 569 -2.04 -0.28 15.32
CA ILE A 569 -0.60 -0.03 15.26
C ILE A 569 -0.27 0.91 14.11
N LEU A 570 -0.69 0.57 12.90
CA LEU A 570 -0.37 1.40 11.75
C LEU A 570 -0.97 2.81 11.84
N PRO A 571 -2.23 3.01 12.22
CA PRO A 571 -2.72 4.40 12.34
C PRO A 571 -1.95 5.22 13.36
N VAL A 572 -1.59 4.63 14.51
CA VAL A 572 -0.83 5.38 15.51
C VAL A 572 0.59 5.63 15.04
N ALA A 573 1.23 4.60 14.46
CA ALA A 573 2.61 4.75 14.01
C ALA A 573 2.73 5.80 12.92
N TYR A 574 1.73 5.89 12.04
CA TYR A 574 1.80 6.84 10.95
C TYR A 574 1.65 8.28 11.45
N GLU A 575 0.76 8.50 12.42
CA GLU A 575 0.62 9.83 12.99
C GLU A 575 1.84 10.20 13.82
N PHE A 576 2.43 9.22 14.52
CA PHE A 576 3.62 9.48 15.33
C PHE A 576 4.77 9.96 14.46
N ASN A 577 4.89 9.44 13.24
CA ASN A 577 5.96 9.77 12.31
C ASN A 577 7.32 9.60 12.96
N PRO A 578 7.73 8.38 13.30
CA PRO A 578 9.02 8.21 13.99
C PRO A 578 10.18 8.38 13.03
N ALA A 579 11.34 8.70 13.62
CA ALA A 579 12.57 8.77 12.86
C ALA A 579 13.27 7.42 12.76
N LEU A 580 12.90 6.46 13.61
CA LEU A 580 13.45 5.12 13.55
C LEU A 580 12.53 4.17 14.30
N VAL A 581 12.35 2.97 13.75
CA VAL A 581 11.57 1.91 14.39
C VAL A 581 12.52 0.94 15.06
N LEU A 582 12.20 0.53 16.29
CA LEU A 582 13.00 -0.41 17.05
C LEU A 582 12.15 -1.63 17.35
N GLY A 583 12.43 -2.74 16.66
CA GLY A 583 11.71 -3.98 16.90
C GLY A 583 12.44 -4.82 17.94
N ILE A 584 11.68 -5.37 18.89
CA ILE A 584 12.22 -6.17 19.97
C ILE A 584 11.37 -7.43 20.12
N VAL A 585 12.03 -8.58 20.16
CA VAL A 585 11.37 -9.87 20.36
C VAL A 585 12.18 -10.65 21.38
N GLU A 586 11.51 -11.12 22.44
CA GLU A 586 12.18 -11.90 23.47
C GLU A 586 12.11 -13.39 23.14
N GLU A 587 12.84 -14.18 23.92
CA GLU A 587 13.00 -15.60 23.60
C GLU A 587 11.69 -16.36 23.74
N THR A 588 10.93 -16.11 24.81
CA THR A 588 9.67 -16.82 25.03
C THR A 588 8.68 -16.57 23.89
N ALA A 589 8.69 -15.37 23.33
CA ALA A 589 7.77 -15.01 22.25
C ALA A 589 8.02 -15.85 21.00
N ARG A 596 5.36 -16.61 10.95
CA ARG A 596 4.06 -16.46 11.60
C ARG A 596 3.34 -15.22 11.08
N VAL A 597 3.40 -14.15 11.87
CA VAL A 597 2.82 -12.87 11.50
C VAL A 597 3.87 -11.76 11.45
N TRP A 598 5.07 -12.02 11.94
CA TRP A 598 6.12 -11.00 12.03
C TRP A 598 6.58 -10.49 10.67
N GLY A 599 6.42 -11.30 9.61
CA GLY A 599 6.84 -10.85 8.30
C GLY A 599 5.98 -9.71 7.76
N HIS A 600 4.66 -9.82 7.93
CA HIS A 600 3.77 -8.74 7.51
C HIS A 600 4.01 -7.48 8.34
N MET A 601 4.29 -7.65 9.63
CA MET A 601 4.57 -6.51 10.50
C MET A 601 5.84 -5.80 10.05
N THR A 602 6.89 -6.57 9.77
CA THR A 602 8.17 -5.96 9.40
C THR A 602 8.07 -5.18 8.10
N CYS A 603 7.30 -5.70 7.13
CA CYS A 603 7.19 -5.01 5.85
C CYS A 603 6.32 -3.77 5.94
N LEU A 604 5.16 -3.88 6.59
CA LEU A 604 4.25 -2.74 6.69
C LEU A 604 4.84 -1.63 7.54
N ILE A 605 5.55 -1.98 8.62
CA ILE A 605 6.15 -0.98 9.49
C ILE A 605 7.29 -0.23 8.83
N GLN A 606 7.80 -0.73 7.70
CA GLN A 606 8.84 -0.02 6.97
C GLN A 606 8.31 1.19 6.23
N GLY A 607 6.98 1.39 6.21
CA GLY A 607 6.44 2.65 5.72
C GLY A 607 6.74 3.82 6.62
N LEU A 608 7.15 3.57 7.86
CA LEU A 608 7.54 4.61 8.79
C LEU A 608 9.05 4.76 8.79
N ALA A 609 9.51 5.97 9.13
CA ALA A 609 10.93 6.26 9.38
C ALA A 609 11.81 5.93 8.18
N ARG A 610 11.25 6.09 6.97
CA ARG A 610 11.98 5.79 5.72
C ARG A 610 12.51 4.36 5.70
N GLY A 611 11.82 3.45 6.39
CA GLY A 611 12.24 2.07 6.46
C GLY A 611 13.41 1.78 7.37
N ARG A 612 13.85 2.76 8.16
CA ARG A 612 14.98 2.57 9.07
C ARG A 612 14.48 1.87 10.32
N MET A 613 14.62 0.54 10.33
CA MET A 613 14.18 -0.29 11.45
C MET A 613 15.33 -1.12 11.96
N LEU A 614 15.49 -1.17 13.28
CA LEU A 614 16.48 -2.03 13.93
C LEU A 614 15.74 -3.07 14.76
N THR A 615 15.88 -4.33 14.40
CA THR A 615 15.21 -5.43 15.09
C THR A 615 16.22 -6.15 15.99
N LEU A 616 15.90 -6.23 17.27
CA LEU A 616 16.73 -6.93 18.25
C LEU A 616 16.05 -8.24 18.59
N LEU A 617 16.66 -9.35 18.17
CA LEU A 617 16.15 -10.69 18.43
C LEU A 617 16.91 -11.29 19.62
N GLN A 618 16.19 -11.67 20.66
CA GLN A 618 16.78 -12.33 21.81
C GLN A 618 16.83 -13.84 21.55
N GLY A 619 18.01 -14.42 21.72
CA GLY A 619 18.22 -15.82 21.36
C GLY A 619 18.32 -16.00 19.86
N TYR A 620 18.77 -17.19 19.47
CA TYR A 620 18.98 -17.50 18.06
C TYR A 620 17.89 -18.45 17.59
N ASP A 621 17.03 -17.96 16.69
CA ASP A 621 16.08 -18.78 15.95
C ASP A 621 16.31 -18.48 14.48
N LYS A 622 16.92 -19.43 13.76
CA LYS A 622 17.28 -19.18 12.37
C LYS A 622 16.04 -18.94 11.51
N ASP A 623 14.94 -19.63 11.82
CA ASP A 623 13.71 -19.42 11.08
C ASP A 623 13.20 -18.00 11.25
N LEU A 624 13.14 -17.53 12.50
CA LEU A 624 12.73 -16.15 12.74
C LEU A 624 13.75 -15.17 12.17
N LEU A 625 15.03 -15.41 12.43
CA LEU A 625 16.07 -14.54 11.88
C LEU A 625 15.95 -14.44 10.36
N GLU A 626 15.85 -15.59 9.69
CA GLU A 626 15.79 -15.58 8.23
C GLU A 626 14.55 -14.86 7.71
N LEU A 627 13.48 -14.81 8.51
CA LEU A 627 12.26 -14.15 8.05
C LEU A 627 12.34 -12.64 8.22
N THR A 628 12.85 -12.17 9.37
CA THR A 628 13.03 -10.73 9.56
C THR A 628 13.97 -10.16 8.50
N VAL A 629 15.09 -10.83 8.26
CA VAL A 629 16.04 -10.35 7.26
C VAL A 629 15.41 -10.35 5.87
N SER A 630 14.63 -11.37 5.55
CA SER A 630 13.98 -11.41 4.25
C SER A 630 12.97 -10.27 4.10
N ALA A 631 12.18 -10.02 5.15
CA ALA A 631 11.23 -8.92 5.10
C ALA A 631 11.93 -7.57 5.15
N LEU A 632 13.00 -7.47 5.95
CA LEU A 632 13.75 -6.21 6.01
C LEU A 632 14.45 -5.90 4.70
N SER A 633 14.85 -6.94 3.95
CA SER A 633 15.56 -6.74 2.69
C SER A 633 14.65 -6.36 1.54
N GLY A 634 13.33 -6.48 1.71
CA GLY A 634 12.40 -6.18 0.65
C GLY A 634 11.89 -7.37 -0.13
N ALA A 635 12.20 -8.59 0.32
CA ALA A 635 11.72 -9.78 -0.38
C ALA A 635 10.21 -9.93 -0.20
N SER A 636 9.64 -10.86 -0.97
CA SER A 636 8.20 -11.10 -0.90
C SER A 636 7.84 -11.72 0.44
N ILE A 637 6.60 -11.51 0.85
CA ILE A 637 6.07 -12.06 2.09
C ILE A 637 5.02 -13.09 1.70
N SER A 638 5.22 -14.33 2.12
CA SER A 638 4.29 -15.39 1.79
C SER A 638 2.91 -15.07 2.38
N PRO A 639 1.84 -15.26 1.61
CA PRO A 639 0.52 -14.79 2.07
C PRO A 639 0.02 -15.59 3.27
N LEU A 640 -0.68 -14.89 4.15
CA LEU A 640 -1.46 -15.57 5.18
C LEU A 640 -2.62 -16.31 4.52
N GLY A 641 -2.84 -17.54 4.94
CA GLY A 641 -3.92 -18.33 4.40
C GLY A 641 -5.27 -17.86 4.88
N PRO A 642 -6.19 -18.79 5.09
CA PRO A 642 -7.46 -18.44 5.74
C PRO A 642 -7.27 -18.41 7.25
N LEU A 643 -7.71 -17.33 7.88
CA LEU A 643 -7.54 -17.13 9.32
C LEU A 643 -8.89 -17.28 10.01
N ARG A 644 -8.92 -18.07 11.07
CA ARG A 644 -10.09 -18.14 11.92
C ARG A 644 -10.37 -16.76 12.52
N ALA A 645 -11.56 -16.22 12.24
CA ALA A 645 -11.98 -14.88 12.64
C ALA A 645 -11.61 -14.60 14.09
N PRO A 646 -11.18 -13.37 14.41
CA PRO A 646 -10.62 -13.12 15.74
C PRO A 646 -11.64 -13.32 16.84
N LYS A 647 -11.13 -13.60 18.03
CA LYS A 647 -11.99 -13.84 19.18
C LYS A 647 -12.65 -12.54 19.64
N PRO A 648 -13.92 -12.57 20.02
CA PRO A 648 -14.58 -11.33 20.46
C PRO A 648 -13.91 -10.67 21.65
N GLU A 649 -13.27 -11.46 22.53
CA GLU A 649 -12.55 -10.87 23.65
C GLU A 649 -11.37 -10.03 23.17
N ASP A 650 -10.78 -10.38 22.03
CA ASP A 650 -9.69 -9.59 21.47
C ASP A 650 -10.21 -8.36 20.74
N VAL A 651 -11.33 -8.49 20.02
CA VAL A 651 -11.91 -7.35 19.34
C VAL A 651 -12.39 -6.32 20.35
N GLU A 652 -12.97 -6.79 21.47
CA GLU A 652 -13.36 -5.87 22.54
C GLU A 652 -12.15 -5.19 23.16
N MET A 653 -11.06 -5.94 23.35
CA MET A 653 -9.84 -5.35 23.89
C MET A 653 -9.26 -4.32 22.94
N MET A 654 -9.27 -4.61 21.64
CA MET A 654 -8.72 -3.67 20.67
C MET A 654 -9.58 -2.43 20.54
N GLU A 655 -10.90 -2.58 20.69
CA GLU A 655 -11.77 -1.41 20.60
C GLU A 655 -11.68 -0.54 21.85
N LYS A 656 -11.42 -1.15 23.01
CA LYS A 656 -11.20 -0.35 24.21
C LYS A 656 -9.93 0.48 24.09
N GLN A 657 -8.90 -0.05 23.43
CA GLN A 657 -7.68 0.73 23.22
C GLN A 657 -7.90 1.86 22.22
N ARG A 658 -8.74 1.63 21.21
CA ARG A 658 -9.07 2.72 20.29
C ARG A 658 -9.81 3.84 21.01
N GLN A 659 -10.75 3.50 21.88
CA GLN A 659 -11.44 4.51 22.66
C GLN A 659 -10.47 5.27 23.56
N ARG A 660 -9.47 4.58 24.09
CA ARG A 660 -8.51 5.19 25.01
C ARG A 660 -7.52 6.10 24.30
N LEU A 661 -7.28 5.89 23.00
CA LEU A 661 -6.20 6.58 22.31
C LEU A 661 -6.65 7.48 21.17
N GLN A 662 -7.88 7.35 20.67
CA GLN A 662 -8.27 8.08 19.46
C GLN A 662 -8.43 9.58 19.69
N GLU A 663 -8.63 10.02 20.93
CA GLU A 663 -8.69 11.45 21.18
C GLU A 663 -7.33 12.10 20.99
N ARG A 664 -6.25 11.38 21.27
CA ARG A 664 -4.89 11.87 21.06
C ARG A 664 -4.39 11.56 19.66
N TRP A 665 -4.70 10.37 19.14
CA TRP A 665 -4.29 9.93 17.81
C TRP A 665 -5.54 9.81 16.96
N GLY A 666 -5.91 10.92 16.30
CA GLY A 666 -7.15 10.97 15.54
C GLY A 666 -7.20 10.01 14.37
N LEU A 667 -6.05 9.58 13.86
CA LEU A 667 -6.02 8.64 12.74
C LEU A 667 -6.66 7.30 13.10
N LEU A 668 -6.87 7.02 14.39
CA LEU A 668 -7.55 5.81 14.81
C LEU A 668 -9.06 5.88 14.60
N ARG A 669 -9.62 7.08 14.42
CA ARG A 669 -11.06 7.23 14.36
CA ARG A 669 -11.05 7.24 14.35
C ARG A 669 -11.62 6.59 13.10
N CYS A 670 -12.62 5.73 13.28
CA CYS A 670 -13.39 5.18 12.18
C CYS A 670 -14.86 5.58 12.30
N THR A 671 -15.17 6.51 13.20
CA THR A 671 -16.50 7.02 13.43
C THR A 671 -16.44 8.54 13.46
N VAL A 672 -17.59 9.18 13.37
CA VAL A 672 -17.69 10.61 13.61
C VAL A 672 -17.77 10.85 15.10
N SER A 673 -16.94 11.77 15.60
CA SER A 673 -16.92 12.05 17.03
C SER A 673 -18.22 12.72 17.47
N GLU A 674 -18.67 12.36 18.67
CA GLU A 674 -19.89 12.94 19.21
C GLU A 674 -19.59 14.31 19.80
N SER A 675 -20.21 15.35 19.24
CA SER A 675 -20.03 16.70 19.75
C SER A 675 -20.81 16.88 21.04
N TRP A 676 -20.12 17.40 22.07
CA TRP A 676 -20.72 17.59 23.39
C TRP A 676 -21.92 18.53 23.35
C2 XS6 B . -16.63 18.50 -13.90
C3 XS6 B . -16.87 16.97 -14.05
C4 XS6 B . -16.60 16.43 -15.49
C6 XS6 B . -15.58 14.57 -16.80
C7 XS6 B . -15.50 13.00 -16.88
C8 XS6 B . -14.09 12.47 -17.29
C9 XS6 B . -13.57 11.26 -16.43
C10 XS6 B . -12.02 11.01 -16.50
C11 XS6 B . -11.40 10.15 -15.39
N1 XS6 B . -15.37 18.81 -13.17
N5 XS6 B . -16.07 15.03 -15.46
N13 XS6 B . -11.82 8.84 -15.11
O12 XS6 B . -10.46 10.69 -14.70
O14 XS6 B . -11.15 8.17 -14.03
ZN ZN C . -10.43 9.70 -12.92
K K D . -11.96 5.15 -7.95
K K E . -17.09 -7.51 -7.18
P PO4 F . -24.33 9.91 0.83
O1 PO4 F . -24.20 10.30 2.29
O2 PO4 F . -23.05 9.23 0.39
O3 PO4 F . -24.56 11.14 -0.01
O4 PO4 F . -25.48 8.96 0.67
P PO4 G . -21.14 15.60 4.59
O1 PO4 G . -20.23 16.40 5.49
O2 PO4 G . -20.39 14.41 4.03
O3 PO4 G . -22.33 15.12 5.37
O4 PO4 G . -21.62 16.47 3.45
#